data_4DHW
#
_entry.id   4DHW
#
_cell.length_a   64.594
_cell.length_b   64.594
_cell.length_c   156.245
_cell.angle_alpha   90.00
_cell.angle_beta   90.00
_cell.angle_gamma   120.00
#
_symmetry.space_group_name_H-M   'P 61'
#
loop_
_entity.id
_entity.type
_entity.pdbx_description
1 polymer 'Peptidyl-tRNA hydrolase'
2 non-polymer 'hexanedioic acid'
3 water water
#
_entity_poly.entity_id   1
_entity_poly.type   'polypeptide(L)'
_entity_poly.pdbx_seq_one_letter_code
;MTAVQLIVGLGNPGPEYDQTRHNAGALFVERLAHAQGVSLVADRKYFGLVGKFSHQGKDVRLLIPTTYMNRSGQSVAALA
GFFRIAPDAILVAHDELDMPPGVAKLKTGGGHGGHNGLRDIIAQLGNQNSFHRLRLGIGHPGHSSLVSGYVLGRAPRSEQ
ELLDTSIDFALGVLPEMLAGDWTRAMQKLHSQKA
;
_entity_poly.pdbx_strand_id   A,B
#
# COMPACT_ATOMS: atom_id res chain seq x y z
N MET A 1 -3.17 -10.44 31.84
CA MET A 1 -2.19 -9.52 32.51
C MET A 1 -1.22 -8.81 31.54
N THR A 2 -0.81 -9.46 30.44
CA THR A 2 -0.03 -8.77 29.37
C THR A 2 -0.88 -8.07 28.26
N ALA A 3 -0.88 -6.73 28.26
CA ALA A 3 -1.58 -5.91 27.25
C ALA A 3 -1.05 -6.09 25.83
N VAL A 4 -1.95 -6.08 24.86
CA VAL A 4 -1.61 -6.19 23.42
C VAL A 4 -1.07 -4.86 22.86
N GLN A 5 0.06 -4.93 22.14
CA GLN A 5 0.75 -3.75 21.62
C GLN A 5 0.88 -3.73 20.10
N LEU A 6 0.76 -4.90 19.49
CA LEU A 6 0.80 -5.05 18.03
C LEU A 6 -0.37 -5.95 17.62
N ILE A 7 -1.22 -5.47 16.71
CA ILE A 7 -2.16 -6.34 16.03
C ILE A 7 -1.74 -6.44 14.55
N VAL A 8 -1.45 -7.65 14.10
CA VAL A 8 -1.04 -7.86 12.70
C VAL A 8 -2.18 -8.49 11.88
N GLY A 9 -2.42 -7.98 10.68
CA GLY A 9 -3.37 -8.64 9.81
C GLY A 9 -2.67 -9.14 8.56
N LEU A 10 -2.69 -10.45 8.33
CA LEU A 10 -1.93 -11.05 7.22
C LEU A 10 -2.66 -11.06 5.88
N GLY A 11 -1.91 -10.81 4.80
CA GLY A 11 -2.47 -10.80 3.46
C GLY A 11 -1.44 -10.65 2.35
N ASN A 12 -1.88 -10.79 1.10
CA ASN A 12 -0.99 -10.61 -0.04
C ASN A 12 -1.27 -9.23 -0.64
N PRO A 13 -0.21 -8.52 -1.03
CA PRO A 13 -0.42 -7.16 -1.57
C PRO A 13 -0.93 -7.20 -3.00
N GLY A 14 -1.64 -6.17 -3.43
CA GLY A 14 -1.99 -6.06 -4.85
C GLY A 14 -3.40 -6.47 -5.24
N PRO A 15 -3.91 -5.89 -6.32
CA PRO A 15 -5.30 -6.10 -6.76
C PRO A 15 -5.64 -7.56 -7.03
N GLU A 16 -4.70 -8.36 -7.53
CA GLU A 16 -5.00 -9.77 -7.86
C GLU A 16 -5.38 -10.54 -6.61
N TYR A 17 -4.99 -10.00 -5.46
CA TYR A 17 -5.14 -10.67 -4.19
C TYR A 17 -6.15 -10.01 -3.29
N ASP A 18 -6.60 -8.82 -3.65
CA ASP A 18 -7.58 -8.12 -2.80
C ASP A 18 -8.88 -8.95 -2.63
N GLN A 19 -9.39 -9.03 -1.42
CA GLN A 19 -10.64 -9.73 -1.18
C GLN A 19 -10.62 -11.24 -1.38
N THR A 20 -9.44 -11.82 -1.42
CA THR A 20 -9.29 -13.29 -1.44
C THR A 20 -9.32 -13.82 0.02
N ARG A 21 -9.65 -15.09 0.18
CA ARG A 21 -9.71 -15.71 1.51
C ARG A 21 -8.42 -15.52 2.32
N HIS A 22 -7.27 -15.66 1.67
CA HIS A 22 -5.94 -15.56 2.29
C HIS A 22 -5.72 -14.17 2.93
N ASN A 23 -6.57 -13.19 2.60
CA ASN A 23 -6.47 -11.81 3.14
C ASN A 23 -7.46 -11.53 4.28
N ALA A 24 -8.03 -12.61 4.84
CA ALA A 24 -9.01 -12.49 5.97
C ALA A 24 -8.48 -11.67 7.12
N GLY A 25 -7.26 -11.99 7.55
CA GLY A 25 -6.59 -11.25 8.59
C GLY A 25 -6.40 -9.77 8.29
N ALA A 26 -6.00 -9.43 7.06
CA ALA A 26 -5.76 -8.02 6.73
C ALA A 26 -7.10 -7.29 6.73
N LEU A 27 -8.15 -8.03 6.35
CA LEU A 27 -9.50 -7.46 6.33
C LEU A 27 -9.88 -7.13 7.76
N PHE A 28 -9.63 -8.05 8.67
CA PHE A 28 -9.89 -7.76 10.08
C PHE A 28 -9.20 -6.47 10.53
N VAL A 29 -7.89 -6.33 10.33
CA VAL A 29 -7.18 -5.09 10.75
C VAL A 29 -7.75 -3.85 10.04
N GLU A 30 -8.15 -3.98 8.79
CA GLU A 30 -8.79 -2.90 8.04
C GLU A 30 -10.11 -2.39 8.60
N ARG A 31 -11.00 -3.30 8.97
CA ARG A 31 -12.18 -3.01 9.78
C ARG A 31 -11.87 -2.35 11.16
N LEU A 32 -10.91 -2.95 11.90
CA LEU A 32 -10.42 -2.40 13.16
C LEU A 32 -9.94 -0.95 13.01
N ALA A 33 -9.06 -0.71 12.04
CA ALA A 33 -8.55 0.64 11.75
C ALA A 33 -9.69 1.62 11.44
N HIS A 34 -10.65 1.20 10.61
CA HIS A 34 -11.80 2.07 10.32
C HIS A 34 -12.63 2.33 11.57
N ALA A 35 -12.87 1.30 12.38
CA ALA A 35 -13.74 1.46 13.56
C ALA A 35 -13.16 2.45 14.56
N GLN A 36 -11.83 2.49 14.66
CA GLN A 36 -11.08 3.30 15.58
C GLN A 36 -10.62 4.65 15.08
N GLY A 37 -10.94 5.00 13.85
CA GLY A 37 -10.39 6.19 13.18
C GLY A 37 -8.86 6.26 13.12
N VAL A 38 -8.20 5.19 12.69
CA VAL A 38 -6.77 5.09 12.66
C VAL A 38 -6.43 5.04 11.16
N SER A 39 -5.46 5.84 10.73
CA SER A 39 -4.96 5.90 9.38
C SER A 39 -3.86 4.86 9.23
N LEU A 40 -3.86 4.10 8.12
CA LEU A 40 -2.79 3.18 7.82
C LEU A 40 -1.75 3.81 6.87
N VAL A 41 -0.58 4.14 7.42
CA VAL A 41 0.50 4.85 6.72
C VAL A 41 1.43 3.82 6.09
N ALA A 42 1.72 3.98 4.79
CA ALA A 42 2.72 3.16 4.08
C ALA A 42 4.10 3.47 4.59
N ASP A 43 4.68 2.57 5.35
CA ASP A 43 6.00 2.84 5.86
C ASP A 43 7.02 1.81 5.40
N ARG A 44 7.98 2.26 4.61
CA ARG A 44 9.00 1.38 4.03
C ARG A 44 9.86 0.70 5.08
N LYS A 45 10.03 1.31 6.24
CA LYS A 45 10.96 0.69 7.22
C LYS A 45 10.35 -0.49 7.97
N TYR A 46 9.04 -0.67 7.80
CA TYR A 46 8.35 -1.80 8.42
C TYR A 46 7.73 -2.73 7.37
N PHE A 47 8.07 -2.51 6.10
CA PHE A 47 7.60 -3.33 5.00
C PHE A 47 6.10 -3.53 5.04
N GLY A 48 5.35 -2.46 5.31
CA GLY A 48 3.90 -2.56 5.40
C GLY A 48 3.13 -1.30 5.70
N LEU A 49 1.85 -1.50 5.98
CA LEU A 49 0.96 -0.42 6.35
C LEU A 49 0.88 -0.39 7.87
N VAL A 50 1.18 0.76 8.48
CA VAL A 50 1.30 0.87 9.94
C VAL A 50 0.33 1.90 10.52
N GLY A 51 -0.25 1.60 11.69
CA GLY A 51 -1.21 2.49 12.36
C GLY A 51 -0.98 2.45 13.88
N LYS A 52 -1.56 3.45 14.56
CA LYS A 52 -1.31 3.72 15.99
C LYS A 52 -2.55 4.34 16.64
N PHE A 53 -2.92 3.84 17.81
CA PHE A 53 -3.93 4.51 18.64
C PHE A 53 -3.52 4.25 20.07
N SER A 54 -4.02 5.05 21.01
CA SER A 54 -3.61 4.97 22.40
C SER A 54 -4.63 4.16 23.19
N HIS A 55 -4.16 3.40 24.16
CA HIS A 55 -5.08 2.63 25.00
C HIS A 55 -4.47 2.35 26.35
N GLN A 56 -5.05 2.95 27.38
CA GLN A 56 -4.59 2.79 28.75
C GLN A 56 -3.14 3.24 28.95
N GLY A 57 -2.78 4.35 28.33
CA GLY A 57 -1.44 4.92 28.52
C GLY A 57 -0.35 4.37 27.62
N LYS A 58 -0.68 3.30 26.89
CA LYS A 58 0.25 2.57 26.00
C LYS A 58 -0.13 2.78 24.53
N ASP A 59 0.87 2.63 23.65
CA ASP A 59 0.69 2.76 22.19
C ASP A 59 0.40 1.40 21.57
N VAL A 60 -0.78 1.26 20.93
CA VAL A 60 -1.18 0.03 20.27
C VAL A 60 -0.99 0.18 18.75
N ARG A 61 -0.15 -0.66 18.14
CA ARG A 61 0.09 -0.52 16.72
C ARG A 61 -0.67 -1.56 15.88
N LEU A 62 -1.14 -1.17 14.70
CA LEU A 62 -1.77 -2.05 13.72
C LEU A 62 -0.81 -2.28 12.56
N LEU A 63 -0.75 -3.49 12.00
CA LEU A 63 0.20 -3.78 10.93
C LEU A 63 -0.35 -4.74 9.87
N ILE A 64 -0.29 -4.29 8.63
CA ILE A 64 -0.63 -5.11 7.48
C ILE A 64 0.64 -5.14 6.63
N PRO A 65 1.33 -6.30 6.59
CA PRO A 65 2.54 -6.44 5.78
C PRO A 65 2.28 -6.19 4.28
N THR A 66 3.22 -5.58 3.59
CA THR A 66 3.15 -5.36 2.16
C THR A 66 4.16 -6.17 1.37
N THR A 67 4.83 -7.06 2.08
CA THR A 67 5.58 -8.17 1.52
C THR A 67 4.56 -9.26 1.19
N TYR A 68 5.00 -10.29 0.49
CA TYR A 68 4.15 -11.45 0.22
C TYR A 68 3.85 -12.24 1.50
N MET A 69 2.77 -13.00 1.51
CA MET A 69 2.41 -13.85 2.65
C MET A 69 3.59 -14.56 3.28
N ASN A 70 4.44 -15.17 2.46
CA ASN A 70 5.58 -15.95 2.95
C ASN A 70 6.81 -15.22 3.53
N ARG A 71 6.78 -13.87 3.56
CA ARG A 71 7.86 -13.06 4.14
C ARG A 71 7.30 -12.03 5.14
N SER A 72 6.05 -12.22 5.54
CA SER A 72 5.38 -11.46 6.61
C SER A 72 6.21 -11.21 7.89
N GLY A 73 7.11 -12.13 8.22
CA GLY A 73 7.83 -12.11 9.49
C GLY A 73 8.84 -11.01 9.49
N GLN A 74 9.39 -10.72 8.33
CA GLN A 74 10.38 -9.66 8.22
C GLN A 74 9.69 -8.34 8.55
N SER A 75 8.42 -8.24 8.21
CA SER A 75 7.62 -7.05 8.56
C SER A 75 7.37 -7.03 10.08
N VAL A 76 6.84 -8.13 10.63
CA VAL A 76 6.55 -8.24 12.06
C VAL A 76 7.79 -8.05 12.92
N ALA A 77 8.86 -8.79 12.61
CA ALA A 77 10.19 -8.59 13.28
C ALA A 77 10.68 -7.13 13.20
N ALA A 78 10.52 -6.49 12.05
CA ALA A 78 10.98 -5.10 11.89
C ALA A 78 10.31 -4.13 12.83
N LEU A 79 9.01 -4.29 13.05
CA LEU A 79 8.28 -3.39 13.90
C LEU A 79 8.43 -3.79 15.38
N ALA A 80 8.37 -5.10 15.64
CA ALA A 80 8.51 -5.58 17.02
C ALA A 80 9.90 -5.25 17.57
N GLY A 81 10.94 -5.35 16.72
CA GLY A 81 12.34 -5.06 17.08
C GLY A 81 12.59 -3.59 17.37
N PHE A 82 12.14 -2.71 16.46
CA PHE A 82 12.26 -1.24 16.62
C PHE A 82 11.63 -0.76 17.93
N PHE A 83 10.47 -1.34 18.30
CA PHE A 83 9.70 -0.91 19.49
C PHE A 83 9.83 -1.86 20.71
N ARG A 84 10.72 -2.82 20.62
CA ARG A 84 10.93 -3.78 21.71
C ARG A 84 9.59 -4.32 22.26
N ILE A 85 8.78 -4.88 21.36
CA ILE A 85 7.49 -5.51 21.68
C ILE A 85 7.74 -7.01 21.77
N ALA A 86 7.44 -7.60 22.91
CA ALA A 86 7.68 -9.04 23.09
C ALA A 86 6.56 -9.82 22.42
N PRO A 87 6.86 -11.05 21.95
CA PRO A 87 5.96 -12.01 21.31
C PRO A 87 4.58 -12.08 21.95
N ASP A 88 4.53 -12.08 23.28
CA ASP A 88 3.26 -12.26 23.96
C ASP A 88 2.36 -10.99 24.00
N ALA A 89 2.89 -9.87 23.50
CA ALA A 89 2.15 -8.64 23.33
C ALA A 89 1.65 -8.45 21.87
N ILE A 90 1.67 -9.54 21.09
CA ILE A 90 1.34 -9.56 19.66
C ILE A 90 0.14 -10.45 19.35
N LEU A 91 -0.82 -9.92 18.59
CA LEU A 91 -1.98 -10.64 18.09
C LEU A 91 -1.88 -10.70 16.56
N VAL A 92 -1.95 -11.90 15.99
CA VAL A 92 -1.94 -12.03 14.53
C VAL A 92 -3.29 -12.55 14.06
N ALA A 93 -3.97 -11.75 13.23
CA ALA A 93 -5.22 -12.18 12.63
C ALA A 93 -4.90 -12.91 11.33
N HIS A 94 -5.52 -14.09 11.12
CA HIS A 94 -5.19 -14.88 9.91
C HIS A 94 -6.32 -15.84 9.50
N ASP A 95 -6.33 -16.21 8.23
CA ASP A 95 -7.32 -17.13 7.73
C ASP A 95 -7.01 -18.50 8.36
N GLU A 96 -8.08 -19.26 8.59
CA GLU A 96 -7.98 -20.59 9.18
C GLU A 96 -8.81 -21.60 8.39
N LEU A 97 -8.07 -22.51 7.76
CA LEU A 97 -8.66 -23.59 6.99
C LEU A 97 -9.47 -24.55 7.84
N ASP A 98 -9.09 -24.76 9.09
CA ASP A 98 -9.72 -25.78 9.92
C ASP A 98 -11.10 -25.45 10.57
N MET A 99 -11.69 -24.31 10.23
CA MET A 99 -12.98 -23.89 10.78
C MET A 99 -13.80 -23.28 9.65
N PRO A 100 -15.13 -23.51 9.59
CA PRO A 100 -15.86 -23.01 8.41
C PRO A 100 -16.06 -21.50 8.51
N PRO A 101 -16.48 -20.83 7.42
CA PRO A 101 -16.75 -19.40 7.51
C PRO A 101 -17.91 -19.09 8.48
N GLY A 102 -17.82 -17.94 9.17
CA GLY A 102 -18.75 -17.56 10.24
C GLY A 102 -18.23 -17.86 11.63
N VAL A 103 -17.18 -18.66 11.71
CA VAL A 103 -16.56 -19.04 13.00
C VAL A 103 -15.17 -18.35 13.18
N ALA A 104 -14.95 -17.76 14.34
CA ALA A 104 -13.66 -17.13 14.71
C ALA A 104 -13.22 -17.57 16.12
N LYS A 105 -11.95 -17.90 16.29
CA LYS A 105 -11.47 -18.44 17.58
C LYS A 105 -10.13 -17.83 17.92
N LEU A 106 -9.84 -17.81 19.22
CA LEU A 106 -8.56 -17.32 19.69
C LEU A 106 -7.67 -18.45 20.16
N LYS A 107 -6.38 -18.24 20.02
CA LYS A 107 -5.42 -19.26 20.39
C LYS A 107 -4.11 -18.60 20.79
N THR A 108 -3.43 -19.25 21.72
CA THR A 108 -2.17 -18.78 22.24
C THR A 108 -1.13 -19.88 21.96
N GLY A 109 -0.12 -19.54 21.17
CA GLY A 109 0.96 -20.47 20.89
C GLY A 109 0.58 -21.61 19.97
N GLY A 110 1.56 -22.44 19.64
CA GLY A 110 1.28 -23.63 18.85
C GLY A 110 1.97 -23.70 17.50
N GLY A 111 1.46 -24.57 16.65
CA GLY A 111 2.03 -24.76 15.33
C GLY A 111 1.70 -23.61 14.42
N HIS A 112 2.23 -23.66 13.20
CA HIS A 112 1.83 -22.70 12.18
C HIS A 112 0.74 -23.36 11.36
N GLY A 113 0.52 -24.64 11.62
CA GLY A 113 -0.56 -25.40 11.00
C GLY A 113 -0.51 -25.47 9.47
N GLY A 114 0.66 -25.26 8.88
CA GLY A 114 0.79 -25.28 7.42
C GLY A 114 0.75 -23.89 6.77
N HIS A 115 0.30 -22.89 7.55
CA HIS A 115 0.15 -21.49 7.12
C HIS A 115 1.54 -20.83 6.98
N ASN A 116 1.88 -20.46 5.76
CA ASN A 116 3.19 -19.94 5.45
C ASN A 116 3.46 -18.54 6.01
N GLY A 117 2.42 -17.77 6.32
CA GLY A 117 2.61 -16.45 6.90
C GLY A 117 3.02 -16.65 8.34
N LEU A 118 2.28 -17.51 9.04
CA LEU A 118 2.54 -17.83 10.43
C LEU A 118 3.92 -18.42 10.55
N ARG A 119 4.27 -19.31 9.68
CA ARG A 119 5.54 -19.96 9.74
C ARG A 119 6.69 -19.01 9.63
N ASP A 120 6.54 -17.99 8.82
CA ASP A 120 7.61 -17.04 8.65
C ASP A 120 7.73 -16.12 9.87
N ILE A 121 6.61 -15.86 10.54
CA ILE A 121 6.62 -15.03 11.73
C ILE A 121 7.26 -15.79 12.89
N ILE A 122 6.95 -17.07 13.03
CA ILE A 122 7.59 -17.90 14.06
C ILE A 122 9.12 -17.93 13.85
N ALA A 123 9.54 -18.20 12.62
CA ALA A 123 10.94 -18.13 12.19
C ALA A 123 11.62 -16.78 12.46
N GLN A 124 11.01 -15.68 12.01
CA GLN A 124 11.64 -14.36 12.12
C GLN A 124 11.63 -13.79 13.52
N LEU A 125 10.77 -14.31 14.38
CA LEU A 125 10.77 -13.86 15.77
C LEU A 125 11.78 -14.65 16.60
N GLY A 126 12.86 -15.10 15.95
CA GLY A 126 13.81 -16.01 16.58
C GLY A 126 13.15 -17.26 17.16
N ASN A 127 12.27 -17.82 16.38
CA ASN A 127 11.51 -19.03 16.71
C ASN A 127 10.66 -18.99 17.97
N GLN A 128 9.88 -17.92 18.06
CA GLN A 128 8.94 -17.70 19.16
C GLN A 128 7.57 -17.98 18.56
N ASN A 129 6.82 -18.93 19.08
CA ASN A 129 5.47 -19.17 18.55
C ASN A 129 4.49 -18.68 19.60
N SER A 130 5.04 -18.09 20.66
CA SER A 130 4.31 -17.57 21.81
C SER A 130 3.16 -16.58 21.65
N PHE A 131 3.05 -15.98 20.46
CA PHE A 131 2.03 -14.99 20.22
C PHE A 131 0.59 -15.51 20.09
N HIS A 132 -0.35 -14.61 20.21
CA HIS A 132 -1.76 -14.96 20.16
C HIS A 132 -2.30 -14.86 18.71
N ARG A 133 -3.33 -15.64 18.39
CA ARG A 133 -3.90 -15.57 17.06
C ARG A 133 -5.41 -15.50 17.09
N LEU A 134 -5.89 -14.63 16.22
CA LEU A 134 -7.28 -14.62 15.84
C LEU A 134 -7.42 -15.42 14.55
N ARG A 135 -8.02 -16.61 14.70
CA ARG A 135 -8.23 -17.55 13.61
C ARG A 135 -9.58 -17.29 13.02
N LEU A 136 -9.62 -16.88 11.75
CA LEU A 136 -10.87 -16.49 11.10
C LEU A 136 -11.13 -17.57 10.10
N GLY A 137 -12.22 -18.29 10.28
CA GLY A 137 -12.50 -19.51 9.53
C GLY A 137 -12.82 -19.18 8.10
N ILE A 138 -12.29 -20.00 7.19
CA ILE A 138 -12.59 -19.82 5.79
C ILE A 138 -12.98 -21.13 5.10
N GLY A 139 -13.11 -22.22 5.86
CA GLY A 139 -13.36 -23.54 5.24
C GLY A 139 -12.14 -24.22 4.61
N HIS A 140 -12.33 -25.46 4.17
CA HIS A 140 -11.28 -26.29 3.60
C HIS A 140 -11.89 -26.98 2.38
N PRO A 141 -11.22 -26.92 1.23
CA PRO A 141 -11.83 -27.51 0.02
C PRO A 141 -12.04 -29.05 0.02
N GLY A 142 -11.35 -29.79 0.89
CA GLY A 142 -11.54 -31.25 0.93
C GLY A 142 -10.28 -32.08 0.72
N HIS A 143 -9.36 -31.60 -0.12
CA HIS A 143 -8.12 -32.31 -0.37
C HIS A 143 -6.93 -31.40 -0.32
N SER A 144 -5.91 -31.84 0.39
CA SER A 144 -4.65 -31.09 0.58
C SER A 144 -4.11 -30.45 -0.71
N SER A 145 -4.37 -31.07 -1.86
CA SER A 145 -3.84 -30.58 -3.14
C SER A 145 -4.56 -29.32 -3.66
N LEU A 146 -5.77 -29.11 -3.18
CA LEU A 146 -6.58 -27.98 -3.57
C LEU A 146 -6.30 -26.72 -2.72
N VAL A 147 -5.57 -26.85 -1.62
CA VAL A 147 -5.48 -25.74 -0.66
C VAL A 147 -4.93 -24.46 -1.28
N SER A 148 -3.87 -24.59 -2.05
CA SER A 148 -3.23 -23.41 -2.63
C SER A 148 -4.17 -22.62 -3.54
N GLY A 149 -4.93 -23.31 -4.37
CA GLY A 149 -5.84 -22.64 -5.31
C GLY A 149 -7.03 -22.01 -4.63
N TYR A 150 -7.48 -22.63 -3.51
CA TYR A 150 -8.64 -22.21 -2.72
C TYR A 150 -8.43 -20.91 -1.92
N VAL A 151 -7.30 -20.80 -1.19
CA VAL A 151 -7.01 -19.57 -0.44
C VAL A 151 -6.78 -18.37 -1.39
N LEU A 152 -6.42 -18.64 -2.64
CA LEU A 152 -6.17 -17.57 -3.59
C LEU A 152 -7.43 -17.24 -4.39
N GLY A 153 -8.55 -17.88 -4.03
CA GLY A 153 -9.85 -17.65 -4.65
C GLY A 153 -10.62 -16.59 -3.89
N ARG A 154 -11.60 -15.98 -4.58
CA ARG A 154 -12.51 -15.04 -3.96
C ARG A 154 -13.70 -15.88 -3.60
N ALA A 155 -14.11 -15.86 -2.34
CA ALA A 155 -15.20 -16.75 -1.89
C ALA A 155 -16.56 -16.34 -2.49
N PRO A 156 -17.48 -17.30 -2.64
CA PRO A 156 -18.79 -16.83 -3.09
C PRO A 156 -19.46 -15.93 -2.04
N ARG A 157 -20.59 -15.31 -2.43
CA ARG A 157 -21.29 -14.31 -1.63
C ARG A 157 -21.68 -14.80 -0.24
N SER A 158 -22.32 -15.96 -0.14
CA SER A 158 -22.74 -16.47 1.17
C SER A 158 -21.58 -16.62 2.16
N GLU A 159 -20.42 -17.05 1.63
CA GLU A 159 -19.23 -17.27 2.44
C GLU A 159 -18.54 -15.97 2.85
N GLN A 160 -18.48 -15.00 1.98
CA GLN A 160 -17.94 -13.72 2.32
C GLN A 160 -18.80 -13.08 3.38
N GLU A 161 -20.05 -13.45 3.45
CA GLU A 161 -20.98 -12.82 4.38
C GLU A 161 -20.74 -13.33 5.76
N LEU A 162 -20.60 -14.66 5.86
CA LEU A 162 -20.26 -15.34 7.10
C LEU A 162 -18.88 -14.90 7.63
N LEU A 163 -17.93 -14.61 6.73
CA LEU A 163 -16.63 -14.06 7.17
C LEU A 163 -16.79 -12.73 7.86
N ASP A 164 -17.52 -11.82 7.18
CA ASP A 164 -17.93 -10.51 7.72
C ASP A 164 -18.63 -10.61 9.08
N THR A 165 -19.57 -11.54 9.23
CA THR A 165 -20.20 -11.77 10.54
C THR A 165 -19.17 -12.11 11.62
N SER A 166 -18.25 -13.05 11.34
CA SER A 166 -17.20 -13.41 12.31
C SER A 166 -16.21 -12.28 12.62
N ILE A 167 -15.83 -11.49 11.62
CA ILE A 167 -15.00 -10.32 11.90
C ILE A 167 -15.74 -9.37 12.89
N ASP A 168 -17.02 -9.07 12.61
CA ASP A 168 -17.87 -8.31 13.51
C ASP A 168 -17.94 -8.92 14.94
N PHE A 169 -18.09 -10.24 15.04
CA PHE A 169 -18.04 -10.89 16.34
C PHE A 169 -16.70 -10.59 17.02
N ALA A 170 -15.60 -10.73 16.27
CA ALA A 170 -14.29 -10.47 16.83
C ALA A 170 -14.05 -9.00 17.20
N LEU A 171 -14.59 -8.03 16.47
CA LEU A 171 -14.42 -6.65 16.94
C LEU A 171 -15.19 -6.43 18.25
N GLY A 172 -16.22 -7.26 18.49
CA GLY A 172 -17.03 -7.18 19.70
C GLY A 172 -16.21 -7.38 20.96
N VAL A 173 -15.11 -8.09 20.82
CA VAL A 173 -14.36 -8.49 22.01
C VAL A 173 -12.99 -7.80 22.02
N LEU A 174 -12.87 -6.75 21.19
CA LEU A 174 -11.71 -5.89 21.27
C LEU A 174 -11.29 -5.41 22.68
N PRO A 175 -12.23 -4.96 23.54
CA PRO A 175 -11.78 -4.45 24.84
C PRO A 175 -10.97 -5.47 25.66
N GLU A 176 -11.45 -6.68 25.70
CA GLU A 176 -10.80 -7.78 26.30
C GLU A 176 -9.51 -8.16 25.63
N MET A 177 -9.47 -8.10 24.31
CA MET A 177 -8.22 -8.41 23.58
C MET A 177 -7.08 -7.45 23.89
N LEU A 178 -7.36 -6.16 23.72
CA LEU A 178 -6.42 -5.08 24.05
C LEU A 178 -5.89 -5.17 25.49
N ALA A 179 -6.76 -5.55 26.43
CA ALA A 179 -6.39 -5.68 27.83
C ALA A 179 -5.50 -6.88 28.10
N GLY A 180 -5.54 -7.89 27.23
CA GLY A 180 -4.78 -9.12 27.45
C GLY A 180 -5.52 -10.17 28.27
N ASP A 181 -6.82 -10.02 28.39
CA ASP A 181 -7.64 -10.94 29.17
C ASP A 181 -8.14 -12.05 28.26
N TRP A 182 -7.27 -13.01 27.93
CA TRP A 182 -7.57 -14.02 26.91
C TRP A 182 -8.68 -15.02 27.27
N THR A 183 -8.86 -15.36 28.55
CA THR A 183 -9.92 -16.31 28.93
C THR A 183 -11.30 -15.67 28.75
N ARG A 184 -11.42 -14.40 29.12
CA ARG A 184 -12.68 -13.70 29.02
C ARG A 184 -13.02 -13.49 27.53
N ALA A 185 -12.01 -13.08 26.76
CA ALA A 185 -12.10 -12.96 25.29
C ALA A 185 -12.61 -14.22 24.60
N MET A 186 -12.05 -15.38 24.97
CA MET A 186 -12.49 -16.71 24.48
C MET A 186 -13.94 -17.02 24.87
N GLN A 187 -14.29 -16.89 26.15
CA GLN A 187 -15.62 -17.17 26.67
C GLN A 187 -16.66 -16.43 25.86
N LYS A 188 -16.44 -15.13 25.68
CA LYS A 188 -17.40 -14.30 24.93
C LYS A 188 -17.43 -14.68 23.44
N LEU A 189 -16.25 -14.83 22.84
CA LEU A 189 -16.15 -15.11 21.40
C LEU A 189 -16.70 -16.48 21.08
N HIS A 190 -16.06 -17.51 21.63
CA HIS A 190 -16.40 -18.91 21.36
C HIS A 190 -17.84 -19.37 21.62
N SER A 191 -18.74 -18.44 21.92
CA SER A 191 -20.13 -18.78 22.18
C SER A 191 -21.08 -18.11 21.20
N GLN A 192 -20.55 -17.61 20.09
CA GLN A 192 -21.40 -16.92 19.15
C GLN A 192 -21.56 -17.62 17.83
N LYS A 193 -22.80 -17.78 17.39
CA LYS A 193 -23.13 -18.52 16.19
C LYS A 193 -23.48 -17.63 15.02
N ALA A 194 -22.96 -17.92 13.84
CA ALA A 194 -23.22 -17.08 12.65
C ALA A 194 -24.58 -17.36 11.95
N MET B 1 0.56 31.68 -11.95
CA MET B 1 -0.89 31.70 -12.28
C MET B 1 -1.61 30.56 -11.52
N THR B 2 -2.05 29.48 -12.21
CA THR B 2 -2.71 28.32 -11.55
C THR B 2 -1.76 27.48 -10.67
N ALA B 3 -2.03 27.42 -9.36
CA ALA B 3 -1.20 26.63 -8.42
C ALA B 3 -1.52 25.14 -8.50
N VAL B 4 -0.48 24.29 -8.43
CA VAL B 4 -0.62 22.82 -8.36
C VAL B 4 -1.33 22.37 -7.05
N GLN B 5 -2.24 21.41 -7.17
CA GLN B 5 -3.04 20.91 -6.05
C GLN B 5 -2.99 19.40 -5.90
N LEU B 6 -2.64 18.70 -6.99
CA LEU B 6 -2.43 17.27 -6.93
C LEU B 6 -1.11 16.92 -7.62
N ILE B 7 -0.27 16.14 -6.95
CA ILE B 7 0.91 15.51 -7.57
C ILE B 7 0.74 13.99 -7.60
N VAL B 8 0.71 13.41 -8.80
CA VAL B 8 0.51 11.97 -8.93
C VAL B 8 1.82 11.26 -9.34
N GLY B 9 2.13 10.15 -8.67
CA GLY B 9 3.26 9.34 -9.08
C GLY B 9 2.78 7.98 -9.58
N LEU B 10 3.07 7.66 -10.83
CA LEU B 10 2.55 6.44 -11.44
C LEU B 10 3.47 5.26 -11.18
N GLY B 11 2.87 4.08 -11.04
CA GLY B 11 3.58 2.88 -10.64
C GLY B 11 2.66 1.67 -10.56
N ASN B 12 3.26 0.48 -10.57
CA ASN B 12 2.55 -0.76 -10.37
C ASN B 12 2.70 -1.19 -8.89
N PRO B 13 1.61 -1.66 -8.28
CA PRO B 13 1.70 -2.02 -6.85
C PRO B 13 2.37 -3.39 -6.61
N GLY B 14 2.96 -3.58 -5.45
CA GLY B 14 3.44 -4.91 -5.09
C GLY B 14 4.93 -5.15 -5.27
N PRO B 15 5.45 -6.20 -4.64
CA PRO B 15 6.90 -6.35 -4.62
C PRO B 15 7.49 -6.78 -5.96
N GLU B 16 6.72 -7.39 -6.85
CA GLU B 16 7.27 -7.80 -8.16
C GLU B 16 7.71 -6.59 -8.95
N TYR B 17 7.08 -5.45 -8.63
CA TYR B 17 7.15 -4.23 -9.42
C TYR B 17 7.93 -3.13 -8.76
N ASP B 18 8.28 -3.32 -7.49
CA ASP B 18 9.00 -2.30 -6.73
C ASP B 18 10.42 -2.03 -7.30
N GLN B 19 10.81 -0.76 -7.38
CA GLN B 19 12.12 -0.40 -7.93
C GLN B 19 12.34 -0.75 -9.42
N THR B 20 11.26 -0.98 -10.19
CA THR B 20 11.35 -1.16 -11.66
C THR B 20 11.23 0.21 -12.37
N ARG B 21 11.73 0.29 -13.60
CA ARG B 21 11.69 1.54 -14.37
C ARG B 21 10.28 2.19 -14.48
N HIS B 22 9.22 1.38 -14.69
CA HIS B 22 7.82 1.83 -14.80
C HIS B 22 7.31 2.56 -13.54
N ASN B 23 8.06 2.46 -12.43
CA ASN B 23 7.69 3.10 -11.13
C ASN B 23 8.42 4.41 -10.80
N ALA B 24 9.05 4.99 -11.82
CA ALA B 24 9.82 6.24 -11.67
C ALA B 24 9.02 7.38 -11.09
N GLY B 25 7.79 7.56 -11.55
CA GLY B 25 6.90 8.60 -11.04
C GLY B 25 6.56 8.38 -9.58
N ALA B 26 6.27 7.13 -9.20
CA ALA B 26 5.90 6.80 -7.84
C ALA B 26 7.08 7.05 -6.94
N LEU B 27 8.29 6.84 -7.48
CA LEU B 27 9.54 7.06 -6.74
C LEU B 27 9.70 8.54 -6.51
N PHE B 28 9.42 9.32 -7.52
CA PHE B 28 9.46 10.76 -7.35
C PHE B 28 8.54 11.18 -6.19
N VAL B 29 7.29 10.72 -6.19
CA VAL B 29 6.34 11.12 -5.11
C VAL B 29 6.81 10.66 -3.71
N GLU B 30 7.35 9.44 -3.62
CA GLU B 30 7.97 8.94 -2.37
C GLU B 30 9.09 9.83 -1.81
N ARG B 31 10.00 10.22 -2.65
CA ARG B 31 11.03 11.14 -2.31
C ARG B 31 10.48 12.50 -1.91
N LEU B 32 9.52 13.00 -2.65
CA LEU B 32 8.82 14.25 -2.37
C LEU B 32 8.13 14.24 -0.98
N ALA B 33 7.39 13.17 -0.67
CA ALA B 33 6.72 13.05 0.64
C ALA B 33 7.73 12.93 1.80
N HIS B 34 8.81 12.18 1.61
CA HIS B 34 9.86 12.07 2.65
C HIS B 34 10.50 13.45 2.87
N ALA B 35 10.80 14.15 1.78
CA ALA B 35 11.42 15.48 1.87
C ALA B 35 10.55 16.48 2.66
N GLN B 36 9.22 16.37 2.52
CA GLN B 36 8.23 17.27 3.15
C GLN B 36 7.68 16.80 4.50
N GLY B 37 8.05 15.59 4.93
CA GLY B 37 7.48 15.01 6.17
C GLY B 37 6.00 14.69 6.07
N VAL B 38 5.58 14.17 4.93
CA VAL B 38 4.19 13.92 4.63
C VAL B 38 4.04 12.39 4.73
N SER B 39 3.02 11.94 5.45
CA SER B 39 2.71 10.53 5.58
C SER B 39 1.83 10.15 4.41
N LEU B 40 2.04 8.97 3.82
CA LEU B 40 1.20 8.48 2.75
C LEU B 40 0.26 7.41 3.31
N VAL B 41 -1.03 7.75 3.36
CA VAL B 41 -2.09 6.97 4.02
C VAL B 41 -2.76 6.07 2.99
N ALA B 42 -2.95 4.79 3.35
CA ALA B 42 -3.71 3.84 2.50
C ALA B 42 -5.16 4.21 2.56
N ASP B 43 -5.70 4.68 1.45
CA ASP B 43 -7.08 5.12 1.42
C ASP B 43 -7.85 4.46 0.28
N ARG B 44 -8.71 3.53 0.65
CA ARG B 44 -9.49 2.76 -0.30
C ARG B 44 -10.42 3.64 -1.15
N LYS B 45 -10.89 4.78 -0.61
CA LYS B 45 -11.76 5.68 -1.41
C LYS B 45 -11.08 6.24 -2.69
N TYR B 46 -9.75 6.32 -2.68
CA TYR B 46 -9.02 6.94 -3.77
C TYR B 46 -8.16 5.96 -4.53
N PHE B 47 -8.35 4.67 -4.22
CA PHE B 47 -7.62 3.61 -4.85
C PHE B 47 -6.10 3.85 -4.80
N GLY B 48 -5.57 4.16 -3.62
CA GLY B 48 -4.15 4.48 -3.54
C GLY B 48 -3.65 5.03 -2.23
N LEU B 49 -2.43 5.54 -2.28
CA LEU B 49 -1.79 6.14 -1.12
C LEU B 49 -1.96 7.64 -1.31
N VAL B 50 -2.42 8.31 -0.26
CA VAL B 50 -2.73 9.76 -0.34
C VAL B 50 -1.98 10.53 0.75
N GLY B 51 -1.45 11.70 0.43
CA GLY B 51 -0.77 12.57 1.39
C GLY B 51 -1.18 14.03 1.15
N LYS B 52 -0.97 14.87 2.17
CA LYS B 52 -1.42 16.26 2.13
C LYS B 52 -0.43 17.17 2.86
N PHE B 53 -0.11 18.30 2.26
CA PHE B 53 0.63 19.33 2.98
C PHE B 53 0.11 20.69 2.56
N SER B 54 0.39 21.70 3.37
CA SER B 54 -0.18 23.01 3.10
C SER B 54 0.84 23.86 2.42
N HIS B 55 0.36 24.66 1.47
CA HIS B 55 1.22 25.58 0.77
C HIS B 55 0.41 26.78 0.28
N GLN B 56 0.81 27.98 0.76
CA GLN B 56 0.21 29.24 0.38
C GLN B 56 -1.30 29.24 0.60
N GLY B 57 -1.75 28.65 1.70
CA GLY B 57 -3.17 28.66 2.05
C GLY B 57 -4.04 27.58 1.40
N LYS B 58 -3.44 26.80 0.50
CA LYS B 58 -4.11 25.69 -0.20
C LYS B 58 -3.52 24.34 0.18
N ASP B 59 -4.36 23.30 0.20
CA ASP B 59 -3.90 21.93 0.42
C ASP B 59 -3.37 21.39 -0.89
N VAL B 60 -2.14 20.85 -0.84
CA VAL B 60 -1.55 20.14 -1.96
C VAL B 60 -1.61 18.63 -1.64
N ARG B 61 -2.22 17.84 -2.53
CA ARG B 61 -2.30 16.40 -2.32
C ARG B 61 -1.28 15.58 -3.11
N LEU B 62 -0.68 14.58 -2.48
CA LEU B 62 0.18 13.59 -3.14
C LEU B 62 -0.57 12.26 -3.38
N LEU B 63 -0.46 11.66 -4.56
CA LEU B 63 -1.16 10.40 -4.85
C LEU B 63 -0.30 9.38 -5.61
N ILE B 64 -0.22 8.17 -5.02
CA ILE B 64 0.34 6.98 -5.69
C ILE B 64 -0.81 5.98 -5.79
N PRO B 65 -1.34 5.75 -7.02
CA PRO B 65 -2.39 4.75 -7.24
C PRO B 65 -1.91 3.35 -6.89
N THR B 66 -2.79 2.54 -6.31
CA THR B 66 -2.44 1.16 -6.01
C THR B 66 -3.29 0.18 -6.80
N THR B 67 -3.94 0.70 -7.83
CA THR B 67 -4.46 -0.05 -8.94
C THR B 67 -3.25 -0.32 -9.84
N TYR B 68 -3.45 -1.03 -10.94
CA TYR B 68 -2.37 -1.25 -11.89
C TYR B 68 -2.15 0.00 -12.77
N MET B 69 -0.99 0.11 -13.42
CA MET B 69 -0.71 1.21 -14.35
C MET B 69 -1.89 1.55 -15.27
N ASN B 70 -2.45 0.54 -15.91
CA ASN B 70 -3.54 0.74 -16.86
C ASN B 70 -4.90 1.18 -16.29
N ARG B 71 -5.06 1.21 -14.96
CA ARG B 71 -6.29 1.74 -14.32
C ARG B 71 -6.03 2.92 -13.36
N SER B 72 -4.87 3.57 -13.46
CA SER B 72 -4.48 4.74 -12.64
C SER B 72 -5.49 5.90 -12.69
N GLY B 73 -6.18 6.06 -13.83
CA GLY B 73 -7.08 7.19 -14.06
C GLY B 73 -8.24 7.15 -13.08
N GLN B 74 -8.67 5.94 -12.76
CA GLN B 74 -9.73 5.67 -11.81
C GLN B 74 -9.41 6.31 -10.47
N SER B 75 -8.14 6.22 -10.12
CA SER B 75 -7.66 6.76 -8.85
C SER B 75 -7.55 8.27 -8.95
N VAL B 76 -7.02 8.77 -10.08
CA VAL B 76 -6.87 10.22 -10.29
C VAL B 76 -8.23 10.91 -10.35
N ALA B 77 -9.17 10.35 -11.14
CA ALA B 77 -10.57 10.81 -11.22
C ALA B 77 -11.26 10.84 -9.85
N ALA B 78 -11.07 9.80 -9.06
CA ALA B 78 -11.61 9.74 -7.70
C ALA B 78 -11.19 10.91 -6.80
N LEU B 79 -9.91 11.23 -6.78
CA LEU B 79 -9.39 12.20 -5.84
C LEU B 79 -9.67 13.58 -6.40
N ALA B 80 -9.46 13.74 -7.71
CA ALA B 80 -9.74 15.00 -8.36
C ALA B 80 -11.23 15.35 -8.26
N GLY B 81 -12.13 14.34 -8.28
CA GLY B 81 -13.59 14.57 -8.32
C GLY B 81 -14.16 14.97 -6.97
N PHE B 82 -13.71 14.31 -5.93
CA PHE B 82 -14.09 14.57 -4.57
C PHE B 82 -13.67 15.96 -4.14
N PHE B 83 -12.61 16.48 -4.73
CA PHE B 83 -12.03 17.79 -4.31
C PHE B 83 -12.18 18.88 -5.37
N ARG B 84 -12.91 18.55 -6.44
CA ARG B 84 -13.14 19.47 -7.55
C ARG B 84 -11.80 20.12 -7.98
N ILE B 85 -10.79 19.28 -8.24
CA ILE B 85 -9.49 19.72 -8.71
C ILE B 85 -9.51 19.72 -10.24
N ALA B 86 -9.19 20.84 -10.84
CA ALA B 86 -9.19 20.93 -12.30
C ALA B 86 -7.89 20.31 -12.82
N PRO B 87 -7.90 19.81 -14.05
CA PRO B 87 -6.70 19.16 -14.59
C PRO B 87 -5.53 20.13 -14.56
N ASP B 88 -5.81 21.39 -14.88
CA ASP B 88 -4.79 22.40 -14.82
C ASP B 88 -3.98 22.34 -13.56
N ALA B 89 -4.62 21.92 -12.51
CA ALA B 89 -4.03 21.91 -11.18
C ALA B 89 -3.34 20.56 -10.82
N ILE B 90 -3.07 19.74 -11.84
CA ILE B 90 -2.56 18.37 -11.67
C ILE B 90 -1.20 18.22 -12.36
N LEU B 91 -0.26 17.62 -11.65
CA LEU B 91 1.07 17.31 -12.13
C LEU B 91 1.21 15.78 -12.02
N VAL B 92 1.50 15.12 -13.13
CA VAL B 92 1.69 13.68 -13.11
C VAL B 92 3.16 13.37 -13.41
N ALA B 93 3.85 12.75 -12.45
CA ALA B 93 5.21 12.27 -12.66
C ALA B 93 5.21 10.86 -13.27
N HIS B 94 5.94 10.65 -14.37
CA HIS B 94 5.96 9.33 -15.04
C HIS B 94 7.29 9.02 -15.72
N ASP B 95 7.51 7.75 -15.98
CA ASP B 95 8.69 7.29 -16.67
C ASP B 95 8.60 7.65 -18.14
N GLU B 96 9.72 8.01 -18.76
CA GLU B 96 9.70 8.51 -20.11
C GLU B 96 10.74 7.75 -20.94
N LEU B 97 10.26 6.91 -21.83
CA LEU B 97 11.09 6.15 -22.75
C LEU B 97 11.91 7.06 -23.70
N ASP B 98 11.33 8.18 -24.12
CA ASP B 98 11.96 9.05 -25.09
C ASP B 98 13.17 9.91 -24.60
N MET B 99 13.62 9.68 -23.36
CA MET B 99 14.75 10.44 -22.77
C MET B 99 15.67 9.52 -21.99
N PRO B 100 17.00 9.74 -22.06
CA PRO B 100 17.88 8.81 -21.39
C PRO B 100 17.80 9.04 -19.89
N PRO B 101 18.15 8.02 -19.07
CA PRO B 101 18.17 8.25 -17.64
C PRO B 101 19.13 9.39 -17.26
N GLY B 102 18.73 10.19 -16.26
CA GLY B 102 19.51 11.36 -15.84
C GLY B 102 18.96 12.63 -16.43
N VAL B 103 17.90 12.49 -17.23
CA VAL B 103 17.24 13.63 -17.88
C VAL B 103 15.77 13.68 -17.45
N ALA B 104 15.33 14.86 -16.99
CA ALA B 104 13.96 15.08 -16.55
C ALA B 104 13.43 16.36 -17.22
N LYS B 105 12.19 16.33 -17.69
CA LYS B 105 11.66 17.50 -18.36
C LYS B 105 10.22 17.65 -18.04
N LEU B 106 9.74 18.89 -18.17
CA LEU B 106 8.34 19.21 -17.95
C LEU B 106 7.59 19.49 -19.24
N LYS B 107 6.32 19.15 -19.25
CA LYS B 107 5.51 19.30 -20.44
C LYS B 107 4.10 19.53 -19.97
N THR B 108 3.37 20.28 -20.76
CA THR B 108 2.00 20.63 -20.49
C THR B 108 1.16 20.11 -21.62
N GLY B 109 0.11 19.35 -21.30
CA GLY B 109 -0.76 18.82 -22.34
C GLY B 109 -0.08 17.90 -23.34
N GLY B 110 -0.87 17.40 -24.29
CA GLY B 110 -0.33 16.49 -25.31
C GLY B 110 -0.91 15.09 -25.26
N GLY B 111 -0.26 14.19 -25.99
CA GLY B 111 -0.70 12.82 -26.12
C GLY B 111 -0.25 11.99 -24.94
N HIS B 112 -0.59 10.70 -24.95
CA HIS B 112 -0.12 9.83 -23.88
C HIS B 112 1.15 9.19 -24.35
N GLY B 113 1.45 9.38 -25.63
CA GLY B 113 2.69 8.86 -26.20
C GLY B 113 2.90 7.37 -25.98
N GLY B 114 1.81 6.60 -25.83
CA GLY B 114 1.96 5.17 -25.68
C GLY B 114 1.95 4.71 -24.23
N HIS B 115 2.10 5.67 -23.31
CA HIS B 115 2.06 5.39 -21.89
C HIS B 115 0.65 5.04 -21.44
N ASN B 116 0.44 3.76 -21.10
CA ASN B 116 -0.86 3.26 -20.72
C ASN B 116 -1.39 3.84 -19.41
N GLY B 117 -0.52 4.40 -18.59
CA GLY B 117 -0.96 5.02 -17.33
C GLY B 117 -1.56 6.36 -17.66
N LEU B 118 -0.84 7.13 -18.48
CA LEU B 118 -1.32 8.43 -18.94
C LEU B 118 -2.62 8.27 -19.69
N ARG B 119 -2.66 7.31 -20.60
CA ARG B 119 -3.82 7.19 -21.47
C ARG B 119 -5.07 6.88 -20.69
N ASP B 120 -4.93 6.11 -19.60
CA ASP B 120 -6.07 5.92 -18.73
C ASP B 120 -6.45 7.19 -17.96
N ILE B 121 -5.48 8.08 -17.68
CA ILE B 121 -5.76 9.30 -16.92
C ILE B 121 -6.47 10.31 -17.83
N ILE B 122 -6.06 10.37 -19.09
CA ILE B 122 -6.71 11.24 -20.09
C ILE B 122 -8.18 10.87 -20.27
N ALA B 123 -8.45 9.60 -20.58
CA ALA B 123 -9.79 8.98 -20.61
C ALA B 123 -10.64 9.21 -19.34
N GLN B 124 -10.16 8.83 -18.18
CA GLN B 124 -10.90 9.03 -16.96
C GLN B 124 -11.15 10.47 -16.61
N LEU B 125 -10.27 11.36 -17.02
CA LEU B 125 -10.50 12.76 -16.71
C LEU B 125 -11.60 13.38 -17.60
N GLY B 126 -12.04 12.62 -18.61
CA GLY B 126 -13.07 13.10 -19.53
C GLY B 126 -12.44 13.71 -20.78
N ASN B 127 -11.38 13.04 -21.23
CA ASN B 127 -10.54 13.41 -22.38
C ASN B 127 -9.84 14.73 -22.14
N GLN B 128 -9.39 14.92 -20.91
CA GLN B 128 -8.62 16.12 -20.59
C GLN B 128 -7.18 15.60 -20.63
N ASN B 129 -6.32 16.23 -21.43
CA ASN B 129 -4.92 15.85 -21.45
C ASN B 129 -4.22 17.11 -20.98
N SER B 130 -5.03 18.10 -20.59
CA SER B 130 -4.57 19.41 -20.13
C SER B 130 -3.60 19.50 -18.97
N PHE B 131 -3.42 18.39 -18.26
CA PHE B 131 -2.55 18.39 -17.10
C PHE B 131 -1.04 18.46 -17.41
N HIS B 132 -0.28 18.77 -16.40
CA HIS B 132 1.18 18.85 -16.56
C HIS B 132 1.91 17.52 -16.23
N ARG B 133 3.12 17.35 -16.78
CA ARG B 133 3.86 16.12 -16.55
C ARG B 133 5.32 16.35 -16.26
N LEU B 134 5.81 15.58 -15.30
CA LEU B 134 7.20 15.47 -15.08
C LEU B 134 7.65 14.17 -15.73
N ARG B 135 8.45 14.30 -16.78
CA ARG B 135 8.89 13.19 -17.58
C ARG B 135 10.24 12.77 -17.12
N LEU B 136 10.33 11.62 -16.46
CA LEU B 136 11.58 11.15 -15.90
C LEU B 136 12.16 10.11 -16.86
N GLY B 137 13.34 10.38 -17.39
CA GLY B 137 13.91 9.57 -18.45
C GLY B 137 14.34 8.24 -17.94
N ILE B 138 14.06 7.19 -18.72
CA ILE B 138 14.47 5.86 -18.33
C ILE B 138 15.11 5.12 -19.49
N GLY B 139 15.37 5.80 -20.60
CA GLY B 139 15.91 5.14 -21.80
C GLY B 139 14.89 4.35 -22.61
N HIS B 140 15.30 3.91 -23.80
CA HIS B 140 14.47 3.12 -24.70
C HIS B 140 15.30 1.93 -25.20
N PRO B 141 14.76 0.69 -25.11
CA PRO B 141 15.57 -0.49 -25.42
C PRO B 141 16.01 -0.60 -26.90
N GLY B 142 15.31 0.06 -27.81
CA GLY B 142 15.72 0.07 -29.20
C GLY B 142 14.69 -0.48 -30.19
N HIS B 143 13.85 -1.39 -29.74
CA HIS B 143 12.73 -1.86 -30.53
C HIS B 143 11.45 -1.88 -29.78
N SER B 144 10.37 -1.46 -30.44
CA SER B 144 9.04 -1.39 -29.82
C SER B 144 8.54 -2.74 -29.24
N SER B 145 9.04 -3.86 -29.75
CA SER B 145 8.61 -5.18 -29.22
C SER B 145 9.26 -5.46 -27.87
N LEU B 146 10.37 -4.78 -27.60
CA LEU B 146 11.09 -4.94 -26.35
C LEU B 146 10.58 -4.04 -25.21
N VAL B 147 9.72 -3.07 -25.51
CA VAL B 147 9.35 -2.03 -24.51
C VAL B 147 8.74 -2.64 -23.25
N SER B 148 7.72 -3.46 -23.45
CA SER B 148 6.99 -4.03 -22.32
C SER B 148 7.91 -4.69 -21.32
N GLY B 149 8.85 -5.49 -21.81
CA GLY B 149 9.77 -6.19 -20.94
C GLY B 149 10.76 -5.25 -20.28
N TYR B 150 11.10 -4.17 -20.98
CA TYR B 150 12.09 -3.21 -20.51
C TYR B 150 11.59 -2.35 -19.33
N VAL B 151 10.33 -1.89 -19.39
CA VAL B 151 9.79 -1.03 -18.32
C VAL B 151 9.54 -1.85 -17.04
N LEU B 152 9.25 -3.13 -17.19
CA LEU B 152 9.07 -3.99 -16.03
C LEU B 152 10.41 -4.51 -15.50
N GLY B 153 11.53 -4.07 -16.10
CA GLY B 153 12.86 -4.50 -15.66
C GLY B 153 13.37 -3.57 -14.58
N ARG B 154 14.34 -4.05 -13.79
CA ARG B 154 15.06 -3.23 -12.83
C ARG B 154 16.29 -2.71 -13.51
N ALA B 155 16.49 -1.40 -13.55
CA ALA B 155 17.65 -0.85 -14.25
C ALA B 155 18.96 -1.30 -13.59
N PRO B 156 20.05 -1.45 -14.38
CA PRO B 156 21.31 -1.67 -13.67
C PRO B 156 21.66 -0.44 -12.81
N ARG B 157 22.73 -0.57 -12.03
CA ARG B 157 23.12 0.40 -11.04
C ARG B 157 23.50 1.76 -11.66
N SER B 158 24.23 1.76 -12.77
CA SER B 158 24.56 3.05 -13.39
C SER B 158 23.32 3.84 -13.80
N GLU B 159 22.24 3.15 -14.20
CA GLU B 159 21.01 3.83 -14.66
C GLU B 159 20.08 4.29 -13.55
N GLN B 160 19.97 3.53 -12.47
CA GLN B 160 19.19 3.99 -11.32
C GLN B 160 19.81 5.23 -10.68
N GLU B 161 21.12 5.34 -10.81
CA GLU B 161 21.85 6.42 -10.17
C GLU B 161 21.57 7.68 -10.92
N LEU B 162 21.68 7.61 -12.24
CA LEU B 162 21.26 8.68 -13.12
C LEU B 162 19.77 9.05 -12.92
N LEU B 163 18.89 8.07 -12.71
CA LEU B 163 17.47 8.41 -12.40
C LEU B 163 17.31 9.20 -11.08
N ASP B 164 17.97 8.70 -10.03
CA ASP B 164 18.08 9.42 -8.75
C ASP B 164 18.56 10.87 -8.93
N THR B 165 19.62 11.09 -9.73
CA THR B 165 20.08 12.46 -10.03
C THR B 165 18.99 13.32 -10.66
N SER B 166 18.22 12.78 -11.62
CA SER B 166 17.10 13.53 -12.21
C SER B 166 15.93 13.85 -11.25
N ILE B 167 15.58 12.93 -10.36
CA ILE B 167 14.54 13.16 -9.34
C ILE B 167 14.98 14.32 -8.40
N ASP B 168 16.23 14.26 -7.95
CA ASP B 168 16.83 15.34 -7.19
C ASP B 168 16.72 16.70 -7.90
N PHE B 169 17.11 16.73 -9.18
CA PHE B 169 17.01 17.96 -9.98
C PHE B 169 15.56 18.45 -9.95
N ALA B 170 14.60 17.54 -10.12
CA ALA B 170 13.18 17.91 -10.10
C ALA B 170 12.70 18.39 -8.70
N LEU B 171 13.14 17.75 -7.62
CA LEU B 171 12.77 18.29 -6.30
C LEU B 171 13.31 19.73 -6.15
N GLY B 172 14.46 20.01 -6.77
CA GLY B 172 15.08 21.34 -6.72
C GLY B 172 14.19 22.46 -7.21
N VAL B 173 13.25 22.12 -8.07
CA VAL B 173 12.40 23.06 -8.71
C VAL B 173 10.94 22.99 -8.22
N LEU B 174 10.72 22.25 -7.14
CA LEU B 174 9.43 22.26 -6.42
C LEU B 174 8.84 23.65 -6.09
N PRO B 175 9.65 24.62 -5.60
CA PRO B 175 8.99 25.92 -5.34
C PRO B 175 8.26 26.47 -6.58
N GLU B 176 8.87 26.31 -7.75
CA GLU B 176 8.29 26.78 -8.98
C GLU B 176 7.13 25.90 -9.46
N MET B 177 7.20 24.57 -9.30
CA MET B 177 6.03 23.70 -9.68
C MET B 177 4.77 24.00 -8.87
N LEU B 178 4.92 24.09 -7.55
CA LEU B 178 3.79 24.35 -6.66
C LEU B 178 3.07 25.67 -6.96
N ALA B 179 3.84 26.69 -7.38
CA ALA B 179 3.29 27.99 -7.72
C ALA B 179 2.57 27.94 -9.05
N GLY B 180 2.95 27.00 -9.91
CA GLY B 180 2.40 26.96 -11.25
C GLY B 180 3.14 27.86 -12.22
N ASP B 181 4.41 28.09 -11.93
CA ASP B 181 5.28 28.88 -12.78
C ASP B 181 6.05 27.92 -13.67
N TRP B 182 5.39 27.47 -14.75
CA TRP B 182 5.95 26.45 -15.66
C TRP B 182 7.09 26.92 -16.56
N THR B 183 7.08 28.21 -16.95
CA THR B 183 8.17 28.80 -17.75
C THR B 183 9.48 28.77 -16.95
N ARG B 184 9.41 29.29 -15.73
CA ARG B 184 10.57 29.42 -14.85
C ARG B 184 11.07 28.02 -14.46
N ALA B 185 10.12 27.13 -14.15
CA ALA B 185 10.40 25.71 -13.84
C ALA B 185 11.18 24.98 -14.94
N MET B 186 10.71 25.08 -16.18
CA MET B 186 11.43 24.55 -17.36
C MET B 186 12.86 25.10 -17.50
N GLN B 187 13.02 26.44 -17.55
CA GLN B 187 14.35 27.06 -17.68
C GLN B 187 15.31 26.52 -16.67
N LYS B 188 14.88 26.47 -15.40
CA LYS B 188 15.76 25.99 -14.32
C LYS B 188 16.06 24.49 -14.45
N LEU B 189 15.04 23.71 -14.76
CA LEU B 189 15.14 22.25 -14.85
C LEU B 189 15.93 21.87 -16.07
N HIS B 190 15.40 22.25 -17.23
CA HIS B 190 15.94 21.92 -18.55
C HIS B 190 17.40 22.26 -18.83
N SER B 191 18.08 22.91 -17.89
CA SER B 191 19.49 23.28 -18.07
C SER B 191 20.45 22.49 -17.21
N GLN B 192 19.94 21.42 -16.61
CA GLN B 192 20.78 20.60 -15.74
C GLN B 192 21.22 19.34 -16.43
N LYS B 193 22.51 19.03 -16.33
CA LYS B 193 23.09 17.82 -16.90
C LYS B 193 23.46 16.79 -15.87
N ALA B 194 23.12 15.53 -16.10
CA ALA B 194 23.48 14.47 -15.14
C ALA B 194 24.96 14.02 -15.27
#